data_8S1A
#
_entry.id   8S1A
#
_cell.length_a   59.540
_cell.length_b   59.530
_cell.length_c   191.410
_cell.angle_alpha   90.000
_cell.angle_beta   90.000
_cell.angle_gamma   90.000
#
_symmetry.space_group_name_H-M   'P 21 21 21'
#
loop_
_entity.id
_entity.type
_entity.pdbx_description
1 polymer 'Mast/stem cell growth factor receptor Kit'
2 non-polymer 1-(2-{5-[(3-Methyloxetan-3-yl)methoxy]-1H-benzimidazol-1-yl}quinolin-8-yl)piperidin-4-amine
3 water water
#
_entity_poly.entity_id   1
_entity_poly.type   'polypeptide(L)'
_entity_poly.pdbx_seq_one_letter_code
;GSMPMYEVQWKVVEESNGNNYSYIDPTQLPYDHKWEFPRNRLSFGKTLGAGAFGKVVEATAQGLIKSDAAMTVAVKMLKP
SAHSTEREALMSELKVLSYLGNHENIVNLLGACTHGGPTLVITEYCCYGDLLNFLRRKRDEFVPYKVAPEDLYKDFLTLE
HLLSFSYQVAKGMAFLASKNCIHRDLAARNILLTHGNITKICDFGLARDIKNDSNYVDKGNARLPVKWMAPESIFNSVYT
FESDVWSYGIFLWELFSLGSSPYPGMPVDSKFYKMIKEGFRMSSPEYAPAEMYDIMKTCWDADPDKRPTFKQIVQDIEKQ
ISESTNH
;
_entity_poly.pdbx_strand_id   A,B
#
# COMPACT_ATOMS: atom_id res chain seq x y z
N GLY A 18 -30.83 -7.87 -13.05
CA GLY A 18 -29.52 -7.23 -13.14
C GLY A 18 -29.64 -5.76 -13.53
N ASN A 19 -30.05 -5.51 -14.77
CA ASN A 19 -30.26 -4.13 -15.25
C ASN A 19 -31.52 -3.49 -14.67
N ASN A 20 -32.24 -4.18 -13.79
CA ASN A 20 -33.37 -3.61 -13.06
C ASN A 20 -32.95 -2.93 -11.76
N TYR A 21 -31.65 -2.90 -11.50
CA TYR A 21 -31.07 -2.26 -10.33
C TYR A 21 -30.11 -1.18 -10.83
N SER A 22 -30.13 -0.02 -10.18
CA SER A 22 -29.20 1.03 -10.57
C SER A 22 -28.87 1.87 -9.35
N TYR A 23 -27.81 2.65 -9.49
CA TYR A 23 -27.44 3.65 -8.48
C TYR A 23 -28.30 4.89 -8.68
N ILE A 24 -29.00 5.31 -7.63
CA ILE A 24 -29.78 6.54 -7.70
C ILE A 24 -28.84 7.73 -7.75
N ASP A 25 -28.99 8.57 -8.78
CA ASP A 25 -28.16 9.75 -8.96
C ASP A 25 -28.79 10.89 -8.17
N PRO A 26 -28.17 11.38 -7.11
CA PRO A 26 -28.86 12.38 -6.28
C PRO A 26 -29.19 13.64 -7.04
N THR A 27 -28.42 13.97 -8.08
CA THR A 27 -28.71 15.18 -8.83
C THR A 27 -29.90 15.02 -9.77
N GLN A 28 -30.37 13.80 -9.99
CA GLN A 28 -31.60 13.58 -10.77
C GLN A 28 -32.86 13.59 -9.92
N LEU A 29 -32.74 13.54 -8.60
CA LEU A 29 -33.93 13.54 -7.75
C LEU A 29 -34.57 14.93 -7.72
N PRO A 30 -35.88 15.00 -7.52
CA PRO A 30 -36.53 16.31 -7.41
C PRO A 30 -36.00 17.10 -6.22
N TYR A 31 -36.00 18.43 -6.36
CA TYR A 31 -35.80 19.30 -5.20
C TYR A 31 -36.89 19.04 -4.16
N ASP A 32 -36.49 18.84 -2.91
CA ASP A 32 -37.46 18.57 -1.85
C ASP A 32 -37.86 19.89 -1.19
N HIS A 33 -39.13 20.23 -1.30
CA HIS A 33 -39.54 21.55 -0.80
C HIS A 33 -39.53 21.66 0.71
N LYS A 34 -39.15 20.61 1.44
CA LYS A 34 -38.98 20.78 2.88
C LYS A 34 -37.87 21.78 3.20
N TRP A 35 -36.98 22.06 2.24
CA TRP A 35 -35.92 23.04 2.44
C TRP A 35 -36.36 24.48 2.20
N GLU A 36 -37.54 24.70 1.62
CA GLU A 36 -37.87 26.01 1.08
C GLU A 36 -38.11 27.01 2.19
N PHE A 37 -37.55 28.20 2.03
CA PHE A 37 -37.64 29.25 3.03
C PHE A 37 -38.02 30.54 2.32
N PRO A 38 -38.96 31.33 2.87
CA PRO A 38 -39.43 32.52 2.13
C PRO A 38 -38.35 33.58 2.10
N ARG A 39 -38.07 34.11 0.91
CA ARG A 39 -37.01 35.10 0.91
C ARG A 39 -37.42 36.41 1.58
N ASN A 40 -38.72 36.66 1.81
CA ASN A 40 -39.06 37.89 2.51
C ASN A 40 -38.86 37.79 4.02
N ARG A 41 -38.32 36.67 4.51
CA ARG A 41 -37.85 36.57 5.89
C ARG A 41 -36.33 36.44 5.95
N LEU A 42 -35.64 36.72 4.85
CA LEU A 42 -34.19 36.58 4.74
CA LEU A 42 -34.19 36.58 4.76
C LEU A 42 -33.60 37.96 4.50
N SER A 43 -32.83 38.49 5.47
CA SER A 43 -32.23 39.81 5.33
C SER A 43 -30.72 39.68 5.18
N PHE A 44 -30.16 40.21 4.08
CA PHE A 44 -28.74 40.13 3.81
C PHE A 44 -27.95 41.15 4.61
N GLY A 45 -26.83 40.69 5.18
CA GLY A 45 -25.83 41.54 5.79
C GLY A 45 -24.60 41.67 4.91
N LYS A 46 -23.41 41.58 5.51
CA LYS A 46 -22.17 41.85 4.79
C LYS A 46 -21.79 40.68 3.89
N THR A 47 -21.06 41.00 2.82
CA THR A 47 -20.53 39.96 1.95
C THR A 47 -19.37 39.25 2.63
N LEU A 48 -19.41 37.92 2.62
CA LEU A 48 -18.36 37.09 3.21
C LEU A 48 -17.31 36.66 2.19
N GLY A 49 -17.68 36.57 0.92
CA GLY A 49 -16.74 36.16 -0.11
C GLY A 49 -17.38 36.27 -1.47
N ALA A 50 -16.52 36.33 -2.47
CA ALA A 50 -16.96 36.39 -3.87
C ALA A 50 -15.85 35.80 -4.72
N GLY A 51 -16.24 35.05 -5.75
CA GLY A 51 -15.27 34.33 -6.54
C GLY A 51 -15.96 33.49 -7.60
N ALA A 52 -15.23 32.49 -8.08
CA ALA A 52 -15.79 31.60 -9.11
C ALA A 52 -17.02 30.87 -8.58
N PHE A 53 -17.08 30.60 -7.29
CA PHE A 53 -18.25 29.99 -6.65
C PHE A 53 -19.47 30.90 -6.62
N GLY A 54 -19.33 32.18 -7.00
CA GLY A 54 -20.42 33.12 -6.86
C GLY A 54 -20.23 34.15 -5.76
N LYS A 55 -21.25 34.34 -4.92
CA LYS A 55 -21.23 35.34 -3.86
C LYS A 55 -21.80 34.71 -2.61
N VAL A 56 -21.16 34.94 -1.46
CA VAL A 56 -21.65 34.42 -0.18
C VAL A 56 -21.82 35.59 0.77
N VAL A 57 -22.99 35.68 1.41
CA VAL A 57 -23.26 36.77 2.34
C VAL A 57 -23.70 36.22 3.69
N GLU A 58 -23.44 37.00 4.73
CA GLU A 58 -24.09 36.74 6.01
C GLU A 58 -25.54 37.21 5.92
N ALA A 59 -26.43 36.54 6.66
CA ALA A 59 -27.83 36.91 6.58
C ALA A 59 -28.52 36.49 7.87
N THR A 60 -29.70 37.05 8.09
CA THR A 60 -30.60 36.64 9.16
C THR A 60 -31.80 35.97 8.52
N ALA A 61 -32.13 34.78 9.00
CA ALA A 61 -33.26 33.99 8.47
C ALA A 61 -34.29 33.92 9.59
N GLN A 62 -35.26 34.83 9.54
CA GLN A 62 -36.19 34.99 10.67
C GLN A 62 -37.14 33.81 10.71
N GLY A 63 -37.15 33.09 11.83
CA GLY A 63 -38.09 32.00 12.01
C GLY A 63 -37.68 30.69 11.39
N LEU A 64 -36.44 30.57 10.91
CA LEU A 64 -36.00 29.33 10.27
C LEU A 64 -35.98 28.19 11.27
N ILE A 65 -35.58 28.48 12.51
CA ILE A 65 -35.70 27.53 13.61
C ILE A 65 -36.94 27.85 14.44
N ALA A 69 -36.95 32.65 16.73
CA ALA A 69 -36.31 33.94 16.54
C ALA A 69 -35.30 33.91 15.37
N ALA A 70 -34.30 34.78 15.45
CA ALA A 70 -33.43 35.09 14.32
C ALA A 70 -32.08 34.38 14.46
N MET A 71 -31.77 33.51 13.50
CA MET A 71 -30.49 32.82 13.44
C MET A 71 -29.63 33.44 12.35
N THR A 72 -28.34 33.64 12.65
CA THR A 72 -27.40 34.09 11.62
C THR A 72 -26.99 32.91 10.75
N VAL A 73 -27.09 33.09 9.43
CA VAL A 73 -26.77 32.05 8.44
C VAL A 73 -25.86 32.65 7.39
N ALA A 74 -25.34 31.78 6.51
CA ALA A 74 -24.66 32.16 5.29
C ALA A 74 -25.56 31.84 4.11
N VAL A 75 -25.53 32.68 3.07
CA VAL A 75 -26.35 32.47 1.87
C VAL A 75 -25.46 32.53 0.66
N LYS A 76 -25.47 31.47 -0.15
CA LYS A 76 -24.71 31.43 -1.40
C LYS A 76 -25.65 31.74 -2.56
N MET A 77 -25.16 32.52 -3.51
CA MET A 77 -25.93 32.92 -4.68
C MET A 77 -24.97 33.12 -5.84
N LEU A 78 -25.52 33.16 -7.05
CA LEU A 78 -24.73 33.44 -8.24
C LEU A 78 -24.72 34.95 -8.54
N LYS A 79 -23.78 35.36 -9.38
CA LYS A 79 -23.83 36.70 -9.95
C LYS A 79 -25.09 36.85 -10.81
N PRO A 80 -25.63 38.07 -10.93
CA PRO A 80 -26.83 38.27 -11.77
C PRO A 80 -26.60 37.92 -13.23
N SER A 81 -25.36 37.93 -13.70
CA SER A 81 -25.03 37.65 -15.09
C SER A 81 -24.85 36.17 -15.37
N ALA A 82 -25.15 35.30 -14.40
CA ALA A 82 -24.78 33.89 -14.50
C ALA A 82 -25.49 33.18 -15.65
N HIS A 83 -24.77 32.25 -16.27
CA HIS A 83 -25.27 31.41 -17.35
C HIS A 83 -26.29 30.40 -16.83
N SER A 84 -27.14 29.91 -17.75
CA SER A 84 -28.12 28.91 -17.37
C SER A 84 -27.47 27.66 -16.80
N THR A 85 -26.32 27.26 -17.35
CA THR A 85 -25.61 26.09 -16.83
C THR A 85 -25.02 26.35 -15.45
N GLU A 86 -24.57 27.58 -15.17
CA GLU A 86 -24.19 27.94 -13.80
C GLU A 86 -25.38 27.80 -12.85
N ARG A 87 -26.56 28.23 -13.28
CA ARG A 87 -27.73 28.16 -12.42
C ARG A 87 -28.14 26.71 -12.16
N GLU A 88 -28.04 25.85 -13.17
CA GLU A 88 -28.36 24.43 -12.98
C GLU A 88 -27.37 23.79 -12.02
N ALA A 89 -26.11 24.22 -12.06
CA ALA A 89 -25.10 23.65 -11.18
C ALA A 89 -25.37 24.00 -9.73
N LEU A 90 -25.94 25.19 -9.46
CA LEU A 90 -26.28 25.54 -8.08
C LEU A 90 -27.42 24.69 -7.58
N MET A 91 -28.41 24.42 -8.44
N MET A 91 -28.41 24.41 -8.43
CA MET A 91 -29.49 23.50 -8.08
CA MET A 91 -29.47 23.49 -8.00
C MET A 91 -28.94 22.11 -7.83
C MET A 91 -28.93 22.07 -7.80
N SER A 92 -28.00 21.65 -8.66
CA SER A 92 -27.38 20.35 -8.45
CA SER A 92 -27.36 20.35 -8.48
C SER A 92 -26.63 20.30 -7.12
N GLU A 93 -25.92 21.36 -6.78
CA GLU A 93 -25.24 21.39 -5.49
C GLU A 93 -26.23 21.29 -4.34
N LEU A 94 -27.36 21.98 -4.47
CA LEU A 94 -28.41 21.89 -3.47
CA LEU A 94 -28.43 21.89 -3.49
C LEU A 94 -28.89 20.44 -3.31
N LYS A 95 -29.07 19.74 -4.43
CA LYS A 95 -29.51 18.35 -4.36
C LYS A 95 -28.45 17.45 -3.73
N VAL A 96 -27.18 17.70 -4.04
CA VAL A 96 -26.10 16.90 -3.43
C VAL A 96 -26.11 17.08 -1.92
N LEU A 97 -26.18 18.33 -1.46
CA LEU A 97 -26.22 18.61 -0.03
C LEU A 97 -27.46 18.02 0.63
N SER A 98 -28.58 18.04 -0.08
CA SER A 98 -29.81 17.45 0.45
CA SER A 98 -29.81 17.45 0.45
C SER A 98 -29.64 15.95 0.65
N TYR A 99 -28.98 15.27 -0.30
CA TYR A 99 -28.81 13.83 -0.18
CA TYR A 99 -28.78 13.82 -0.21
C TYR A 99 -27.70 13.45 0.79
N LEU A 100 -26.68 14.30 0.91
CA LEU A 100 -25.54 14.00 1.78
C LEU A 100 -25.96 13.82 3.24
N GLY A 101 -26.85 14.68 3.72
CA GLY A 101 -27.23 14.67 5.11
C GLY A 101 -26.29 15.49 5.95
N ASN A 102 -26.57 15.48 7.25
CA ASN A 102 -25.94 16.38 8.20
C ASN A 102 -24.67 15.78 8.81
N HIS A 103 -23.64 16.60 9.01
CA HIS A 103 -22.47 16.16 9.76
C HIS A 103 -21.86 17.32 10.51
N GLU A 104 -21.32 17.03 11.70
CA GLU A 104 -20.73 18.08 12.54
C GLU A 104 -19.63 18.86 11.82
N ASN A 105 -18.87 18.20 10.96
CA ASN A 105 -17.67 18.80 10.37
C ASN A 105 -17.88 19.22 8.91
N ILE A 106 -19.12 19.44 8.48
CA ILE A 106 -19.35 20.10 7.21
C ILE A 106 -20.21 21.33 7.48
N VAL A 107 -20.13 22.30 6.56
CA VAL A 107 -21.03 23.44 6.63
C VAL A 107 -22.38 22.96 6.12
N ASN A 108 -23.34 22.77 7.01
CA ASN A 108 -24.56 22.07 6.65
C ASN A 108 -25.57 22.96 5.92
N LEU A 109 -26.35 22.31 5.06
CA LEU A 109 -27.51 22.93 4.44
C LEU A 109 -28.61 23.18 5.45
N LEU A 110 -29.14 24.40 5.47
CA LEU A 110 -30.26 24.76 6.34
C LEU A 110 -31.54 25.07 5.58
N GLY A 111 -31.45 25.42 4.31
CA GLY A 111 -32.64 25.86 3.59
C GLY A 111 -32.26 26.39 2.22
N ALA A 112 -33.30 26.73 1.46
CA ALA A 112 -33.11 27.28 0.11
C ALA A 112 -34.28 28.18 -0.25
N CYS A 113 -34.02 29.08 -1.20
CA CYS A 113 -35.05 29.86 -1.88
C CYS A 113 -34.93 29.51 -3.36
N THR A 114 -35.95 28.87 -3.92
CA THR A 114 -35.82 28.34 -5.27
C THR A 114 -36.86 28.88 -6.24
N HIS A 115 -37.68 29.83 -5.82
CA HIS A 115 -38.68 30.42 -6.70
C HIS A 115 -38.91 31.85 -6.26
N GLY A 116 -39.55 32.62 -7.14
CA GLY A 116 -39.67 34.04 -6.89
C GLY A 116 -38.38 34.80 -7.04
N GLY A 117 -37.38 34.19 -7.68
CA GLY A 117 -36.10 34.83 -7.90
C GLY A 117 -34.98 33.81 -8.06
N PRO A 118 -33.74 34.29 -8.13
CA PRO A 118 -32.60 33.37 -8.27
C PRO A 118 -32.45 32.48 -7.06
N THR A 119 -31.87 31.31 -7.28
CA THR A 119 -31.67 30.35 -6.20
C THR A 119 -30.73 30.89 -5.13
N LEU A 120 -31.14 30.73 -3.88
CA LEU A 120 -30.29 31.02 -2.72
C LEU A 120 -30.13 29.73 -1.92
N VAL A 121 -28.90 29.42 -1.53
CA VAL A 121 -28.62 28.23 -0.72
C VAL A 121 -28.22 28.72 0.66
N ILE A 122 -28.97 28.33 1.68
CA ILE A 122 -28.81 28.81 3.04
C ILE A 122 -28.05 27.75 3.81
N THR A 123 -26.90 28.11 4.37
CA THR A 123 -26.12 27.14 5.11
C THR A 123 -25.75 27.73 6.46
N GLU A 124 -25.13 26.88 7.29
CA GLU A 124 -24.61 27.31 8.58
C GLU A 124 -23.57 28.42 8.41
N TYR A 125 -23.51 29.31 9.40
CA TYR A 125 -22.55 30.40 9.45
C TYR A 125 -21.46 30.07 10.48
N CYS A 126 -20.19 30.32 10.12
CA CYS A 126 -19.06 30.00 10.99
C CYS A 126 -18.31 31.28 11.33
N CYS A 127 -18.38 31.69 12.60
CA CYS A 127 -18.05 33.08 12.92
C CYS A 127 -16.58 33.42 12.75
N TYR A 128 -15.68 32.43 12.77
CA TYR A 128 -14.25 32.70 12.66
C TYR A 128 -13.74 32.69 11.23
N GLY A 129 -14.60 32.35 10.25
CA GLY A 129 -14.16 32.37 8.87
C GLY A 129 -13.24 31.21 8.53
N ASP A 130 -12.48 31.41 7.46
CA ASP A 130 -11.68 30.32 6.94
C ASP A 130 -10.42 30.11 7.78
N LEU A 131 -10.00 28.85 7.82
CA LEU A 131 -8.90 28.41 8.68
C LEU A 131 -7.57 28.98 8.22
N LEU A 132 -7.39 29.15 6.92
CA LEU A 132 -6.13 29.69 6.42
C LEU A 132 -5.86 31.08 6.98
N ASN A 133 -6.82 31.99 6.83
CA ASN A 133 -6.63 33.33 7.37
C ASN A 133 -6.54 33.31 8.89
N PHE A 134 -7.31 32.43 9.54
CA PHE A 134 -7.22 32.30 10.99
C PHE A 134 -5.80 31.93 11.42
N LEU A 135 -5.24 30.90 10.78
CA LEU A 135 -3.87 30.48 11.06
C LEU A 135 -2.88 31.60 10.82
N ARG A 136 -3.01 32.29 9.68
CA ARG A 136 -2.09 33.38 9.37
C ARG A 136 -2.17 34.50 10.39
N ARG A 137 -3.37 34.75 10.93
CA ARG A 137 -3.53 35.75 11.99
C ARG A 137 -2.91 35.30 13.30
N LYS A 138 -3.04 34.02 13.65
CA LYS A 138 -2.57 33.51 14.94
C LYS A 138 -1.14 33.01 14.88
N ARG A 139 -0.49 33.12 13.73
CA ARG A 139 0.84 32.57 13.55
C ARG A 139 1.79 33.07 14.62
N ASP A 140 1.82 34.38 14.84
CA ASP A 140 2.83 34.97 15.70
C ASP A 140 2.63 34.64 17.18
N GLU A 141 1.41 34.30 17.59
CA GLU A 141 1.15 33.95 18.99
C GLU A 141 1.16 32.44 19.22
N PHE A 142 1.38 31.63 18.19
CA PHE A 142 1.38 30.19 18.35
C PHE A 142 2.51 29.74 19.25
N VAL A 143 2.17 28.87 20.20
CA VAL A 143 3.18 28.20 21.02
C VAL A 143 2.83 26.72 21.05
N PRO A 144 3.80 25.84 20.74
CA PRO A 144 3.48 24.40 20.68
C PRO A 144 2.76 23.86 21.90
N TYR A 145 3.23 24.20 23.10
CA TYR A 145 2.64 23.72 24.35
C TYR A 145 2.22 24.91 25.22
N LYS A 146 1.06 24.78 25.86
CA LYS A 146 0.52 25.80 26.77
C LYS A 146 1.51 26.19 27.87
N ASP A 155 -6.89 32.63 25.23
CA ASP A 155 -6.63 31.42 24.47
C ASP A 155 -5.63 31.68 23.32
N PHE A 156 -4.80 30.67 23.04
CA PHE A 156 -3.80 30.79 21.99
C PHE A 156 -3.65 29.45 21.29
N LEU A 157 -3.05 29.48 20.11
CA LEU A 157 -2.97 28.31 19.25
C LEU A 157 -1.83 27.39 19.71
N THR A 158 -2.11 26.10 19.80
CA THR A 158 -1.14 25.13 20.29
C THR A 158 -1.14 23.91 19.37
N LEU A 159 -0.14 23.04 19.57
CA LEU A 159 -0.10 21.78 18.82
CA LEU A 159 -0.09 21.78 18.82
C LEU A 159 -1.36 20.97 19.01
N GLU A 160 -1.94 21.03 20.21
CA GLU A 160 -3.18 20.31 20.47
C GLU A 160 -4.31 20.80 19.56
N HIS A 161 -4.43 22.11 19.37
CA HIS A 161 -5.43 22.63 18.44
C HIS A 161 -5.21 22.12 17.03
N LEU A 162 -3.96 22.15 16.56
CA LEU A 162 -3.68 21.73 15.18
C LEU A 162 -4.03 20.25 14.98
N LEU A 163 -3.70 19.40 15.97
CA LEU A 163 -4.09 18.00 15.84
C LEU A 163 -5.61 17.85 15.82
N SER A 164 -6.31 18.63 16.66
CA SER A 164 -7.76 18.58 16.66
C SER A 164 -8.31 18.96 15.29
N PHE A 165 -7.77 20.04 14.70
CA PHE A 165 -8.20 20.44 13.35
C PHE A 165 -7.95 19.33 12.33
N SER A 166 -6.76 18.69 12.38
CA SER A 166 -6.48 17.61 11.42
C SER A 166 -7.50 16.49 11.56
N TYR A 167 -7.87 16.18 12.80
CA TYR A 167 -8.81 15.11 13.09
C TYR A 167 -10.21 15.45 12.58
N GLN A 168 -10.66 16.68 12.84
CA GLN A 168 -12.02 17.06 12.46
C GLN A 168 -12.18 17.13 10.96
N VAL A 169 -11.18 17.66 10.25
CA VAL A 169 -11.29 17.67 8.79
C VAL A 169 -11.30 16.24 8.25
N ALA A 170 -10.44 15.37 8.80
CA ALA A 170 -10.46 13.97 8.37
C ALA A 170 -11.83 13.34 8.63
N LYS A 171 -12.45 13.63 9.78
CA LYS A 171 -13.78 13.07 10.05
C LYS A 171 -14.82 13.58 9.05
N GLY A 172 -14.82 14.88 8.76
CA GLY A 172 -15.73 15.40 7.75
C GLY A 172 -15.51 14.74 6.39
N MET A 173 -14.23 14.51 6.01
CA MET A 173 -13.94 13.91 4.71
C MET A 173 -14.28 12.43 4.70
N ALA A 174 -14.07 11.74 5.82
CA ALA A 174 -14.53 10.36 5.93
C ALA A 174 -16.03 10.27 5.70
N PHE A 175 -16.79 11.21 6.27
CA PHE A 175 -18.23 11.24 6.10
C PHE A 175 -18.59 11.40 4.63
N LEU A 176 -17.97 12.37 3.94
CA LEU A 176 -18.21 12.53 2.51
C LEU A 176 -17.91 11.24 1.75
N ALA A 177 -16.77 10.62 2.05
CA ALA A 177 -16.41 9.39 1.33
C ALA A 177 -17.37 8.27 1.65
N SER A 178 -17.92 8.23 2.86
CA SER A 178 -18.88 7.20 3.22
C SER A 178 -20.19 7.37 2.44
N LYS A 179 -20.42 8.57 1.93
CA LYS A 179 -21.56 8.85 1.07
C LYS A 179 -21.19 8.81 -0.41
N ASN A 180 -20.01 8.28 -0.72
CA ASN A 180 -19.49 8.17 -2.08
C ASN A 180 -19.36 9.52 -2.77
N CYS A 181 -19.02 10.54 -1.99
CA CYS A 181 -18.87 11.91 -2.48
CA CYS A 181 -18.85 11.87 -2.54
C CYS A 181 -17.40 12.32 -2.46
N ILE A 182 -16.97 13.05 -3.50
CA ILE A 182 -15.67 13.71 -3.47
C ILE A 182 -15.90 15.21 -3.50
N HIS A 183 -15.01 15.94 -2.84
CA HIS A 183 -15.13 17.40 -2.70
C HIS A 183 -14.43 18.13 -3.83
N ARG A 184 -13.20 17.71 -4.17
CA ARG A 184 -12.40 18.19 -5.29
C ARG A 184 -11.77 19.57 -5.07
N ASP A 185 -12.00 20.23 -3.92
CA ASP A 185 -11.30 21.48 -3.61
C ASP A 185 -11.00 21.55 -2.13
N LEU A 186 -10.48 20.47 -1.57
CA LEU A 186 -10.09 20.50 -0.17
C LEU A 186 -8.81 21.32 -0.01
N ALA A 187 -8.84 22.28 0.90
CA ALA A 187 -7.73 23.18 1.14
C ALA A 187 -8.09 23.98 2.38
N ALA A 188 -7.06 24.50 3.08
CA ALA A 188 -7.33 25.25 4.30
C ALA A 188 -8.27 26.42 4.05
N ARG A 189 -8.22 27.03 2.85
CA ARG A 189 -9.10 28.16 2.57
C ARG A 189 -10.58 27.76 2.54
N ASN A 190 -10.89 26.47 2.37
CA ASN A 190 -12.26 26.00 2.30
C ASN A 190 -12.67 25.25 3.57
N ILE A 191 -11.92 25.45 4.66
CA ILE A 191 -12.25 24.93 5.97
C ILE A 191 -12.62 26.11 6.86
N LEU A 192 -13.79 26.04 7.49
CA LEU A 192 -14.24 27.15 8.33
C LEU A 192 -14.17 26.73 9.80
N LEU A 193 -14.06 27.74 10.65
CA LEU A 193 -13.94 27.58 12.08
C LEU A 193 -15.13 28.25 12.75
N THR A 194 -15.83 27.52 13.59
CA THR A 194 -16.95 28.12 14.30
C THR A 194 -16.72 28.01 15.80
N HIS A 195 -17.77 28.13 16.61
CA HIS A 195 -17.60 28.14 18.06
C HIS A 195 -17.10 26.79 18.57
N GLY A 196 -16.42 26.82 19.70
CA GLY A 196 -15.87 25.60 20.25
C GLY A 196 -14.72 25.02 19.46
N ASN A 197 -14.10 25.79 18.56
CA ASN A 197 -12.99 25.31 17.73
C ASN A 197 -13.42 24.11 16.88
N ILE A 198 -14.66 24.13 16.40
CA ILE A 198 -15.17 23.10 15.51
C ILE A 198 -14.91 23.52 14.07
N THR A 199 -14.31 22.64 13.28
CA THR A 199 -14.01 22.98 11.90
C THR A 199 -15.02 22.33 10.97
N LYS A 200 -15.34 23.03 9.88
CA LYS A 200 -16.36 22.56 8.95
C LYS A 200 -15.90 22.77 7.51
N ILE A 201 -15.99 21.71 6.71
CA ILE A 201 -15.63 21.80 5.30
C ILE A 201 -16.73 22.57 4.58
N CYS A 202 -16.33 23.48 3.70
CA CYS A 202 -17.33 24.27 2.99
CA CYS A 202 -17.23 24.38 3.00
C CYS A 202 -17.04 24.25 1.49
N ASP A 203 -17.98 24.87 0.75
CA ASP A 203 -17.99 25.04 -0.70
C ASP A 203 -18.14 23.70 -1.42
N PHE A 204 -19.36 23.33 -1.75
CA PHE A 204 -19.64 22.05 -2.38
C PHE A 204 -19.98 22.18 -3.85
N GLY A 205 -19.62 23.31 -4.47
CA GLY A 205 -20.01 23.51 -5.86
C GLY A 205 -19.41 22.47 -6.79
N LEU A 206 -18.23 21.95 -6.45
CA LEU A 206 -17.56 20.95 -7.28
C LEU A 206 -17.72 19.53 -6.76
N ALA A 207 -18.39 19.36 -5.62
CA ALA A 207 -18.52 18.04 -5.04
C ALA A 207 -19.35 17.13 -5.96
N ARG A 208 -18.98 15.85 -6.00
CA ARG A 208 -19.65 14.93 -6.93
C ARG A 208 -19.91 13.60 -6.26
N ASP A 209 -21.03 12.98 -6.60
CA ASP A 209 -21.29 11.59 -6.22
C ASP A 209 -20.68 10.69 -7.28
N ILE A 210 -19.83 9.74 -6.88
CA ILE A 210 -19.13 8.95 -7.88
C ILE A 210 -19.44 7.47 -7.79
N LYS A 211 -20.62 7.13 -7.25
CA LYS A 211 -21.00 5.73 -7.09
C LYS A 211 -20.93 4.95 -8.40
N ASN A 212 -21.29 5.59 -9.51
CA ASN A 212 -21.43 4.84 -10.75
C ASN A 212 -20.07 4.47 -11.34
N ASP A 213 -19.10 5.39 -11.32
CA ASP A 213 -17.84 5.20 -12.03
C ASP A 213 -16.63 5.00 -11.11
N SER A 214 -16.77 5.20 -9.80
CA SER A 214 -15.69 5.25 -8.83
C SER A 214 -14.64 6.29 -9.18
N ASN A 215 -14.91 7.14 -10.17
CA ASN A 215 -14.11 8.34 -10.41
C ASN A 215 -15.01 9.41 -11.03
N TYR A 216 -14.40 10.54 -11.33
CA TYR A 216 -15.04 11.63 -12.04
C TYR A 216 -13.99 12.20 -12.99
N VAL A 217 -14.36 12.42 -14.25
CA VAL A 217 -13.46 13.02 -15.24
C VAL A 217 -13.95 14.43 -15.51
N ASP A 218 -13.16 15.42 -15.11
CA ASP A 218 -13.58 16.81 -15.25
C ASP A 218 -13.59 17.21 -16.72
N LYS A 219 -14.78 17.58 -17.21
CA LYS A 219 -14.96 18.10 -18.56
C LYS A 219 -14.98 19.62 -18.59
N GLY A 220 -14.88 20.28 -17.43
CA GLY A 220 -14.96 21.72 -17.34
C GLY A 220 -13.74 22.42 -17.90
N ASN A 221 -13.83 23.75 -17.93
CA ASN A 221 -12.75 24.60 -18.39
C ASN A 221 -12.48 25.75 -17.42
N ALA A 222 -12.62 25.48 -16.12
CA ALA A 222 -12.41 26.50 -15.11
C ALA A 222 -10.95 26.50 -14.63
N ARG A 223 -10.58 27.55 -13.91
CA ARG A 223 -9.27 27.58 -13.26
C ARG A 223 -9.26 26.57 -12.13
N LEU A 224 -8.11 25.93 -11.95
CA LEU A 224 -8.02 24.80 -11.04
C LEU A 224 -6.99 25.04 -9.95
N PRO A 225 -7.16 24.43 -8.77
CA PRO A 225 -6.24 24.63 -7.64
C PRO A 225 -5.02 23.72 -7.75
N VAL A 226 -4.11 24.09 -8.66
CA VAL A 226 -3.10 23.15 -9.15
C VAL A 226 -2.23 22.60 -8.01
N LYS A 227 -1.82 23.47 -7.06
CA LYS A 227 -0.88 22.99 -6.04
C LYS A 227 -1.53 22.06 -5.02
N TRP A 228 -2.86 21.93 -5.02
CA TRP A 228 -3.55 20.97 -4.16
C TRP A 228 -3.94 19.69 -4.89
N MET A 229 -3.69 19.61 -6.19
CA MET A 229 -4.24 18.53 -7.00
C MET A 229 -3.31 17.31 -7.07
N ALA A 230 -3.91 16.12 -7.07
CA ALA A 230 -3.15 14.90 -7.32
C ALA A 230 -2.60 14.90 -8.74
N PRO A 231 -1.45 14.26 -8.97
CA PRO A 231 -0.89 14.28 -10.34
C PRO A 231 -1.84 13.68 -11.36
N GLU A 232 -2.60 12.64 -10.99
CA GLU A 232 -3.50 12.07 -11.99
C GLU A 232 -4.66 13.01 -12.34
N SER A 233 -5.01 13.93 -11.43
CA SER A 233 -6.01 14.94 -11.74
C SER A 233 -5.45 16.00 -12.68
N ILE A 234 -4.22 16.45 -12.43
CA ILE A 234 -3.58 17.40 -13.34
C ILE A 234 -3.43 16.77 -14.72
N PHE A 235 -2.89 15.56 -14.78
CA PHE A 235 -2.46 15.02 -16.07
C PHE A 235 -3.60 14.38 -16.84
N ASN A 236 -4.56 13.80 -16.14
CA ASN A 236 -5.62 13.06 -16.79
C ASN A 236 -7.01 13.52 -16.39
N SER A 237 -7.13 14.60 -15.61
CA SER A 237 -8.42 15.17 -15.25
C SER A 237 -9.31 14.17 -14.52
N VAL A 238 -8.72 13.20 -13.82
CA VAL A 238 -9.44 12.15 -13.10
CA VAL A 238 -9.47 12.17 -13.11
C VAL A 238 -9.48 12.49 -11.62
N TYR A 239 -10.66 12.41 -11.01
CA TYR A 239 -10.86 12.68 -9.58
C TYR A 239 -11.49 11.47 -8.91
N THR A 240 -11.02 11.15 -7.71
CA THR A 240 -11.39 9.94 -6.99
C THR A 240 -11.38 10.24 -5.49
N PHE A 241 -11.86 9.26 -4.70
CA PHE A 241 -11.60 9.30 -3.27
C PHE A 241 -10.13 9.57 -2.98
N GLU A 242 -9.25 8.94 -3.76
CA GLU A 242 -7.82 9.04 -3.50
C GLU A 242 -7.25 10.40 -3.88
N SER A 243 -7.86 11.13 -4.83
CA SER A 243 -7.34 12.47 -5.09
C SER A 243 -7.74 13.44 -3.99
N ASP A 244 -8.94 13.29 -3.40
CA ASP A 244 -9.25 14.06 -2.18
C ASP A 244 -8.22 13.80 -1.08
N VAL A 245 -7.75 12.56 -0.93
CA VAL A 245 -6.76 12.25 0.11
C VAL A 245 -5.45 12.97 -0.16
N TRP A 246 -5.01 13.01 -1.44
CA TRP A 246 -3.84 13.83 -1.78
C TRP A 246 -4.01 15.26 -1.28
N SER A 247 -5.16 15.87 -1.61
CA SER A 247 -5.41 17.26 -1.22
C SER A 247 -5.40 17.41 0.31
N TYR A 248 -5.93 16.43 1.02
CA TYR A 248 -5.87 16.47 2.48
C TYR A 248 -4.42 16.55 2.96
N GLY A 249 -3.52 15.82 2.32
CA GLY A 249 -2.12 15.90 2.67
C GLY A 249 -1.56 17.29 2.48
N ILE A 250 -1.96 17.96 1.40
CA ILE A 250 -1.53 19.34 1.22
C ILE A 250 -2.11 20.22 2.30
N PHE A 251 -3.39 20.04 2.62
CA PHE A 251 -4.01 20.74 3.76
C PHE A 251 -3.20 20.55 5.04
N LEU A 252 -2.75 19.32 5.31
CA LEU A 252 -1.96 19.10 6.53
C LEU A 252 -0.68 19.95 6.51
N TRP A 253 -0.05 20.04 5.34
CA TRP A 253 1.16 20.86 5.24
C TRP A 253 0.84 22.32 5.53
N GLU A 254 -0.25 22.85 4.95
CA GLU A 254 -0.69 24.21 5.28
C GLU A 254 -0.94 24.37 6.76
N LEU A 255 -1.61 23.40 7.37
CA LEU A 255 -1.98 23.50 8.78
C LEU A 255 -0.76 23.58 9.66
N PHE A 256 0.13 22.58 9.54
CA PHE A 256 1.26 22.52 10.48
C PHE A 256 2.35 23.51 10.13
N SER A 257 2.29 24.13 8.95
CA SER A 257 3.13 25.28 8.64
C SER A 257 2.48 26.60 9.06
N LEU A 258 1.31 26.54 9.69
CA LEU A 258 0.61 27.73 10.20
C LEU A 258 0.22 28.68 9.06
N GLY A 259 -0.20 28.09 7.94
CA GLY A 259 -0.74 28.89 6.86
C GLY A 259 0.21 29.30 5.77
N SER A 260 1.35 28.64 5.62
CA SER A 260 2.22 28.92 4.49
CA SER A 260 2.22 28.90 4.49
C SER A 260 1.58 28.43 3.19
N SER A 261 1.86 29.14 2.10
CA SER A 261 1.44 28.67 0.79
C SER A 261 2.25 27.43 0.40
N PRO A 262 1.62 26.41 -0.18
CA PRO A 262 2.36 25.19 -0.52
C PRO A 262 3.36 25.42 -1.64
N TYR A 263 4.38 24.56 -1.67
CA TYR A 263 5.48 24.63 -2.62
C TYR A 263 6.09 26.03 -2.69
N PRO A 264 6.61 26.55 -1.57
CA PRO A 264 7.24 27.87 -1.61
C PRO A 264 8.41 27.88 -2.59
N GLY A 265 8.60 29.01 -3.26
CA GLY A 265 9.65 29.10 -4.27
C GLY A 265 9.37 28.41 -5.58
N MET A 266 8.14 27.97 -5.83
CA MET A 266 7.81 27.25 -7.07
C MET A 266 6.60 27.85 -7.77
N PRO A 267 6.78 28.53 -8.88
CA PRO A 267 5.63 28.89 -9.71
C PRO A 267 5.01 27.64 -10.32
N VAL A 268 3.74 27.75 -10.70
CA VAL A 268 3.08 26.67 -11.44
C VAL A 268 3.52 26.77 -12.89
N ASP A 269 4.44 25.89 -13.31
CA ASP A 269 4.99 25.94 -14.65
C ASP A 269 5.46 24.54 -15.04
N SER A 270 6.13 24.43 -16.19
CA SER A 270 6.59 23.11 -16.65
C SER A 270 7.53 22.47 -15.63
N LYS A 271 8.35 23.28 -14.96
CA LYS A 271 9.25 22.75 -13.94
C LYS A 271 8.46 22.10 -12.81
N PHE A 272 7.39 22.76 -12.38
CA PHE A 272 6.59 22.22 -11.28
C PHE A 272 6.01 20.86 -11.62
N TYR A 273 5.37 20.75 -12.79
CA TYR A 273 4.77 19.48 -13.16
C TYR A 273 5.81 18.39 -13.30
N LYS A 274 6.96 18.71 -13.90
CA LYS A 274 8.01 17.72 -14.08
C LYS A 274 8.48 17.19 -12.72
N MET A 275 8.66 18.09 -11.75
CA MET A 275 9.15 17.69 -10.44
C MET A 275 8.14 16.81 -9.73
N ILE A 276 6.86 17.21 -9.70
CA ILE A 276 5.82 16.39 -9.08
C ILE A 276 5.80 15.00 -9.71
N LYS A 277 5.82 14.92 -11.04
CA LYS A 277 5.75 13.61 -11.70
C LYS A 277 6.95 12.74 -11.35
N GLU A 278 8.14 13.34 -11.22
CA GLU A 278 9.36 12.61 -10.90
C GLU A 278 9.43 12.12 -9.46
N GLY A 279 8.57 12.64 -8.58
CA GLY A 279 8.56 12.21 -7.20
C GLY A 279 8.89 13.29 -6.19
N PHE A 280 9.11 14.54 -6.59
CA PHE A 280 9.35 15.59 -5.59
C PHE A 280 8.15 15.76 -4.67
N ARG A 281 8.43 15.91 -3.36
CA ARG A 281 7.41 16.17 -2.35
C ARG A 281 7.94 17.19 -1.35
N MET A 282 7.04 17.95 -0.75
CA MET A 282 7.42 18.96 0.23
C MET A 282 8.02 18.31 1.47
N SER A 283 9.01 18.98 2.06
CA SER A 283 9.57 18.55 3.33
CA SER A 283 9.55 18.52 3.33
C SER A 283 8.58 18.83 4.46
N SER A 284 8.86 18.27 5.62
CA SER A 284 7.97 18.45 6.77
C SER A 284 7.97 19.92 7.23
N PRO A 285 6.78 20.48 7.55
CA PRO A 285 6.77 21.75 8.30
C PRO A 285 7.45 21.56 9.64
N GLU A 286 8.01 22.65 10.16
CA GLU A 286 8.79 22.57 11.39
C GLU A 286 7.99 21.99 12.56
N TYR A 287 6.73 22.39 12.70
CA TYR A 287 5.94 22.01 13.85
C TYR A 287 5.03 20.80 13.61
N ALA A 288 5.13 20.17 12.46
CA ALA A 288 4.38 18.93 12.25
C ALA A 288 5.01 17.82 13.08
N PRO A 289 4.22 17.11 13.90
CA PRO A 289 4.72 15.86 14.49
C PRO A 289 5.17 14.92 13.38
N ALA A 290 6.21 14.11 13.68
CA ALA A 290 6.71 13.17 12.70
C ALA A 290 5.61 12.24 12.18
N GLU A 291 4.75 11.76 13.07
CA GLU A 291 3.66 10.90 12.62
C GLU A 291 2.64 11.63 11.75
N MET A 292 2.53 12.96 11.84
CA MET A 292 1.65 13.65 10.91
C MET A 292 2.32 13.83 9.55
N TYR A 293 3.63 14.13 9.55
CA TYR A 293 4.33 14.17 8.27
C TYR A 293 4.33 12.80 7.60
N ASP A 294 4.34 11.73 8.40
CA ASP A 294 4.18 10.40 7.84
C ASP A 294 2.87 10.26 7.09
N ILE A 295 1.77 10.77 7.66
CA ILE A 295 0.49 10.75 6.95
C ILE A 295 0.59 11.54 5.66
N MET A 296 1.14 12.75 5.73
CA MET A 296 1.31 13.57 4.53
C MET A 296 1.99 12.77 3.43
N LYS A 297 3.07 12.08 3.76
CA LYS A 297 3.83 11.37 2.75
C LYS A 297 3.01 10.26 2.10
N THR A 298 2.20 9.54 2.89
CA THR A 298 1.38 8.50 2.27
C THR A 298 0.24 9.11 1.46
N CYS A 299 -0.29 10.28 1.87
CA CYS A 299 -1.28 10.97 1.06
C CYS A 299 -0.73 11.31 -0.30
N TRP A 300 0.58 11.55 -0.40
CA TRP A 300 1.19 11.96 -1.65
C TRP A 300 1.86 10.81 -2.41
N ASP A 301 1.48 9.57 -2.12
CA ASP A 301 2.03 8.48 -2.90
C ASP A 301 1.63 8.65 -4.37
N ALA A 302 2.61 8.43 -5.27
CA ALA A 302 2.33 8.49 -6.70
C ALA A 302 1.27 7.48 -7.12
N ASP A 303 1.20 6.36 -6.41
CA ASP A 303 0.22 5.34 -6.71
C ASP A 303 -1.03 5.59 -5.87
N PRO A 304 -2.16 5.94 -6.46
CA PRO A 304 -3.35 6.23 -5.64
C PRO A 304 -3.77 5.08 -4.75
N ASP A 305 -3.55 3.84 -5.21
CA ASP A 305 -3.90 2.66 -4.42
C ASP A 305 -3.11 2.55 -3.12
N LYS A 306 -1.96 3.20 -3.02
CA LYS A 306 -1.16 3.14 -1.81
C LYS A 306 -1.48 4.27 -0.83
N ARG A 307 -2.31 5.23 -1.21
CA ARG A 307 -2.69 6.28 -0.28
C ARG A 307 -3.65 5.70 0.76
N PRO A 308 -3.67 6.24 1.98
CA PRO A 308 -4.65 5.79 2.96
C PRO A 308 -6.05 6.28 2.61
N THR A 309 -7.05 5.64 3.21
CA THR A 309 -8.41 6.19 3.15
C THR A 309 -8.60 7.16 4.31
N PHE A 310 -9.65 8.00 4.21
CA PHE A 310 -9.95 8.88 5.32
C PHE A 310 -10.33 8.10 6.56
N LYS A 311 -10.97 6.95 6.40
CA LYS A 311 -11.26 6.08 7.54
C LYS A 311 -9.96 5.70 8.25
N GLN A 312 -8.94 5.32 7.50
CA GLN A 312 -7.67 4.95 8.11
C GLN A 312 -6.98 6.16 8.74
N ILE A 313 -7.09 7.32 8.10
CA ILE A 313 -6.49 8.54 8.62
C ILE A 313 -7.14 8.91 9.95
N VAL A 314 -8.47 8.79 10.04
CA VAL A 314 -9.15 9.11 11.29
C VAL A 314 -8.64 8.22 12.42
N GLN A 315 -8.51 6.92 12.15
CA GLN A 315 -8.03 6.01 13.19
C GLN A 315 -6.61 6.35 13.62
N ASP A 316 -5.77 6.71 12.66
CA ASP A 316 -4.38 7.07 12.98
C ASP A 316 -4.34 8.30 13.87
N ILE A 317 -5.05 9.37 13.49
CA ILE A 317 -5.01 10.60 14.26
C ILE A 317 -5.61 10.39 15.64
N GLU A 318 -6.70 9.60 15.72
CA GLU A 318 -7.31 9.28 17.00
C GLU A 318 -6.27 8.77 17.99
N LYS A 319 -5.43 7.85 17.53
CA LYS A 319 -4.43 7.24 18.40
C LYS A 319 -3.35 8.24 18.79
N GLN A 320 -2.98 9.14 17.87
CA GLN A 320 -2.05 10.21 18.23
C GLN A 320 -2.63 11.13 19.29
N ILE A 321 -3.90 11.50 19.15
CA ILE A 321 -4.55 12.32 20.17
C ILE A 321 -4.53 11.61 21.51
N SER A 322 -4.92 10.33 21.54
CA SER A 322 -4.96 9.59 22.79
CA SER A 322 -4.96 9.60 22.80
C SER A 322 -3.58 9.49 23.42
N GLU A 323 -2.55 9.26 22.61
CA GLU A 323 -1.20 9.14 23.15
C GLU A 323 -0.64 10.47 23.63
N SER A 324 -1.16 11.59 23.13
CA SER A 324 -0.84 12.92 23.67
C SER A 324 -1.53 13.12 25.02
N ASN B 19 36.34 3.50 -13.58
CA ASN B 19 35.49 2.82 -12.61
C ASN B 19 36.17 2.63 -11.25
N ASN B 20 36.25 3.71 -10.47
CA ASN B 20 36.81 3.63 -9.13
C ASN B 20 35.84 3.04 -8.12
N TYR B 21 34.56 2.94 -8.45
CA TYR B 21 33.57 2.30 -7.61
C TYR B 21 33.00 1.10 -8.34
N SER B 22 32.83 -0.02 -7.63
CA SER B 22 32.22 -1.18 -8.26
C SER B 22 31.42 -1.96 -7.23
N TYR B 23 30.53 -2.81 -7.72
CA TYR B 23 29.79 -3.73 -6.87
C TYR B 23 30.68 -4.92 -6.56
N ILE B 24 30.83 -5.25 -5.28
CA ILE B 24 31.65 -6.39 -4.89
C ILE B 24 30.91 -7.68 -5.20
N ASP B 25 31.52 -8.54 -6.02
CA ASP B 25 30.92 -9.81 -6.39
C ASP B 25 31.23 -10.80 -5.28
N PRO B 26 30.24 -11.24 -4.48
CA PRO B 26 30.56 -12.14 -3.37
C PRO B 26 31.19 -13.46 -3.79
N THR B 27 30.95 -13.93 -5.02
CA THR B 27 31.61 -15.16 -5.47
C THR B 27 33.08 -14.96 -5.84
N GLN B 28 33.54 -13.71 -5.95
CA GLN B 28 34.96 -13.46 -6.19
C GLN B 28 35.75 -13.33 -4.91
N LEU B 29 35.07 -13.21 -3.77
CA LEU B 29 35.78 -13.07 -2.50
C LEU B 29 36.41 -14.40 -2.10
N PRO B 30 37.51 -14.35 -1.35
CA PRO B 30 38.09 -15.57 -0.80
C PRO B 30 37.09 -16.30 0.09
N TYR B 31 37.19 -17.62 0.12
CA TYR B 31 36.51 -18.39 1.15
C TYR B 31 37.06 -18.02 2.51
N ASP B 32 36.17 -17.79 3.46
CA ASP B 32 36.57 -17.41 4.82
C ASP B 32 36.70 -18.67 5.66
N HIS B 33 37.90 -18.91 6.21
CA HIS B 33 38.12 -20.20 6.89
C HIS B 33 37.48 -20.28 8.27
N LYS B 34 36.81 -19.20 8.72
CA LYS B 34 36.01 -19.29 9.93
C LYS B 34 34.98 -20.40 9.84
N TRP B 35 34.57 -20.78 8.61
CA TRP B 35 33.58 -21.82 8.45
C TRP B 35 34.17 -23.22 8.53
N GLU B 36 35.49 -23.36 8.43
CA GLU B 36 36.07 -24.68 8.23
C GLU B 36 35.84 -25.57 9.46
N PHE B 37 35.41 -26.81 9.22
CA PHE B 37 35.10 -27.77 10.28
C PHE B 37 35.75 -29.10 9.93
N PRO B 38 36.40 -29.76 10.90
CA PRO B 38 37.14 -30.98 10.56
C PRO B 38 36.23 -32.08 10.04
N ARG B 39 36.62 -32.61 8.90
CA ARG B 39 35.87 -33.66 8.21
C ARG B 39 35.72 -34.91 9.08
N ASN B 40 36.74 -35.25 9.87
CA ASN B 40 36.61 -36.48 10.65
C ASN B 40 35.68 -36.33 11.87
N ARG B 41 35.15 -35.14 12.16
CA ARG B 41 34.12 -34.98 13.18
C ARG B 41 32.68 -35.08 12.65
N LEU B 42 32.49 -35.40 11.37
CA LEU B 42 31.16 -35.62 10.80
C LEU B 42 30.92 -37.11 10.66
N SER B 43 29.79 -37.58 11.17
CA SER B 43 29.38 -38.97 11.02
C SER B 43 28.09 -39.01 10.22
N PHE B 44 28.17 -39.54 8.99
CA PHE B 44 27.03 -39.47 8.07
C PHE B 44 25.96 -40.49 8.42
N GLY B 45 24.70 -40.05 8.33
CA GLY B 45 23.58 -40.94 8.48
C GLY B 45 22.83 -41.11 7.17
N LYS B 46 21.50 -41.12 7.25
CA LYS B 46 20.70 -41.47 6.08
C LYS B 46 20.69 -40.33 5.06
N THR B 47 20.33 -40.67 3.84
CA THR B 47 20.23 -39.67 2.78
C THR B 47 18.91 -38.93 2.91
N LEU B 48 18.98 -37.59 2.91
CA LEU B 48 17.78 -36.77 2.98
C LEU B 48 17.25 -36.40 1.60
N GLY B 49 18.12 -36.27 0.60
CA GLY B 49 17.68 -35.88 -0.72
C GLY B 49 18.77 -36.15 -1.73
N ALA B 50 18.34 -36.32 -2.98
CA ALA B 50 19.27 -36.55 -4.08
C ALA B 50 18.61 -36.09 -5.37
N GLY B 51 19.36 -35.34 -6.18
CA GLY B 51 18.84 -34.84 -7.43
C GLY B 51 19.85 -33.99 -8.15
N ALA B 52 19.37 -33.04 -8.97
CA ALA B 52 20.28 -32.17 -9.69
C ALA B 52 21.14 -31.34 -8.75
N PHE B 53 20.63 -31.01 -7.55
CA PHE B 53 21.43 -30.28 -6.57
C PHE B 53 22.59 -31.11 -6.02
N GLY B 54 22.55 -32.42 -6.22
CA GLY B 54 23.56 -33.31 -5.66
C GLY B 54 22.97 -34.28 -4.66
N LYS B 55 23.52 -34.30 -3.44
CA LYS B 55 23.12 -35.24 -2.41
C LYS B 55 23.19 -34.53 -1.06
N VAL B 56 22.12 -34.62 -0.28
CA VAL B 56 22.08 -34.07 1.08
C VAL B 56 21.87 -35.22 2.05
N VAL B 57 22.77 -35.34 3.02
CA VAL B 57 22.68 -36.41 4.00
C VAL B 57 22.56 -35.81 5.39
N GLU B 58 21.82 -36.51 6.26
CA GLU B 58 21.84 -36.22 7.68
C GLU B 58 23.19 -36.66 8.27
N ALA B 59 23.66 -35.90 9.25
CA ALA B 59 24.93 -36.25 9.89
C ALA B 59 24.95 -35.73 11.31
N THR B 60 25.79 -36.34 12.12
CA THR B 60 26.14 -35.82 13.45
CA THR B 60 26.13 -35.82 13.45
C THR B 60 27.47 -35.10 13.37
N ALA B 61 27.53 -33.89 13.88
CA ALA B 61 28.74 -33.08 13.88
C ALA B 61 29.22 -32.97 15.32
N GLN B 62 30.28 -33.69 15.65
CA GLN B 62 30.79 -33.73 17.02
C GLN B 62 31.59 -32.46 17.27
N GLY B 63 31.11 -31.62 18.18
CA GLY B 63 31.88 -30.46 18.59
C GLY B 63 31.71 -29.23 17.72
N LEU B 64 30.64 -29.16 16.94
CA LEU B 64 30.49 -28.09 15.96
C LEU B 64 30.23 -26.74 16.60
N ILE B 65 29.31 -26.68 17.56
CA ILE B 65 29.04 -25.43 18.27
C ILE B 65 29.63 -25.46 19.68
N LYS B 66 29.31 -26.51 20.41
CA LYS B 66 29.88 -26.72 21.74
C LYS B 66 30.90 -27.84 21.64
N SER B 67 32.05 -27.65 22.28
CA SER B 67 33.18 -28.58 22.15
C SER B 67 32.77 -30.01 22.46
N ASP B 68 31.96 -30.20 23.51
CA ASP B 68 31.67 -31.52 24.02
C ASP B 68 30.31 -32.04 23.61
N ALA B 69 29.64 -31.39 22.66
CA ALA B 69 28.27 -31.72 22.30
C ALA B 69 28.18 -32.12 20.84
N ALA B 70 27.34 -33.11 20.56
CA ALA B 70 27.06 -33.52 19.20
C ALA B 70 25.82 -32.81 18.68
N MET B 71 25.82 -32.52 17.38
CA MET B 71 24.77 -31.75 16.73
C MET B 71 24.33 -32.44 15.45
N THR B 72 23.02 -32.57 15.26
CA THR B 72 22.52 -33.08 13.98
C THR B 72 22.50 -31.95 12.96
N VAL B 73 23.04 -32.22 11.77
CA VAL B 73 23.14 -31.24 10.69
C VAL B 73 22.78 -31.93 9.39
N ALA B 74 22.63 -31.13 8.33
CA ALA B 74 22.47 -31.63 6.97
C ALA B 74 23.70 -31.26 6.17
N VAL B 75 24.25 -32.22 5.43
CA VAL B 75 25.50 -31.99 4.70
C VAL B 75 25.20 -32.13 3.22
N LYS B 76 25.51 -31.10 2.44
CA LYS B 76 25.35 -31.11 1.00
C LYS B 76 26.68 -31.42 0.34
N MET B 77 26.64 -32.27 -0.68
CA MET B 77 27.84 -32.70 -1.36
C MET B 77 27.48 -32.97 -2.81
N LEU B 78 28.48 -32.99 -3.68
CA LEU B 78 28.22 -33.26 -5.09
C LEU B 78 28.27 -34.75 -5.38
N LYS B 79 27.67 -35.13 -6.51
CA LYS B 79 27.88 -36.46 -7.07
C LYS B 79 29.37 -36.73 -7.18
N PRO B 80 29.83 -37.96 -6.92
CA PRO B 80 31.28 -38.24 -6.98
C PRO B 80 31.90 -37.98 -8.36
N SER B 81 31.10 -37.92 -9.42
CA SER B 81 31.56 -37.73 -10.79
C SER B 81 31.49 -36.28 -11.26
N ALA B 82 31.35 -35.33 -10.35
CA ALA B 82 31.13 -33.93 -10.73
C ALA B 82 32.37 -33.34 -11.42
N HIS B 83 32.13 -32.55 -12.47
CA HIS B 83 33.22 -31.89 -13.18
C HIS B 83 33.75 -30.70 -12.37
N SER B 84 34.96 -30.26 -12.73
CA SER B 84 35.63 -29.19 -11.98
C SER B 84 34.76 -27.95 -11.89
N THR B 85 34.03 -27.64 -12.97
CA THR B 85 33.15 -26.48 -12.96
C THR B 85 32.03 -26.64 -11.95
N GLU B 86 31.57 -27.88 -11.71
CA GLU B 86 30.55 -28.12 -10.69
C GLU B 86 31.14 -27.99 -9.29
N ARG B 87 32.38 -28.45 -9.11
CA ARG B 87 33.05 -28.24 -7.82
C ARG B 87 33.12 -26.75 -7.49
N GLU B 88 33.50 -25.92 -8.47
CA GLU B 88 33.60 -24.48 -8.25
C GLU B 88 32.24 -23.87 -7.90
N ALA B 89 31.17 -24.38 -8.51
CA ALA B 89 29.85 -23.82 -8.26
C ALA B 89 29.41 -24.07 -6.82
N LEU B 90 29.82 -25.20 -6.24
CA LEU B 90 29.50 -25.45 -4.84
C LEU B 90 30.27 -24.49 -3.94
N MET B 91 31.55 -24.23 -4.24
CA MET B 91 32.28 -23.20 -3.51
C MET B 91 31.62 -21.84 -3.67
N SER B 92 31.10 -21.55 -4.86
CA SER B 92 30.40 -20.27 -5.05
C SER B 92 29.17 -20.20 -4.17
N GLU B 93 28.40 -21.28 -4.10
CA GLU B 93 27.23 -21.30 -3.22
C GLU B 93 27.64 -21.05 -1.78
N LEU B 94 28.75 -21.65 -1.37
CA LEU B 94 29.27 -21.42 -0.02
CA LEU B 94 29.30 -21.42 -0.03
C LEU B 94 29.58 -19.94 0.21
N LYS B 95 30.21 -19.28 -0.76
CA LYS B 95 30.52 -17.85 -0.64
C LYS B 95 29.26 -16.98 -0.65
N VAL B 96 28.22 -17.38 -1.37
CA VAL B 96 26.98 -16.61 -1.33
C VAL B 96 26.33 -16.74 0.05
N LEU B 97 26.26 -17.95 0.57
CA LEU B 97 25.73 -18.15 1.93
C LEU B 97 26.56 -17.39 2.95
N SER B 98 27.87 -17.36 2.78
CA SER B 98 28.71 -16.57 3.70
C SER B 98 28.38 -15.09 3.62
N TYR B 99 28.18 -14.57 2.42
CA TYR B 99 27.85 -13.16 2.23
C TYR B 99 26.46 -12.83 2.75
N LEU B 100 25.49 -13.73 2.53
CA LEU B 100 24.12 -13.46 2.94
C LEU B 100 24.00 -13.28 4.44
N GLY B 101 24.75 -14.05 5.21
CA GLY B 101 24.63 -14.01 6.66
C GLY B 101 23.42 -14.80 7.13
N ASN B 102 23.20 -14.75 8.44
CA ASN B 102 22.22 -15.59 9.11
C ASN B 102 20.82 -14.97 9.07
N HIS B 103 19.79 -15.81 8.85
CA HIS B 103 18.42 -15.35 8.98
C HIS B 103 17.56 -16.50 9.50
N GLU B 104 16.58 -16.14 10.34
CA GLU B 104 15.70 -17.17 10.90
C GLU B 104 14.99 -17.98 9.83
N ASN B 105 14.67 -17.38 8.68
CA ASN B 105 13.80 -18.08 7.74
C ASN B 105 14.57 -18.64 6.55
N ILE B 106 15.86 -18.91 6.72
CA ILE B 106 16.60 -19.67 5.72
C ILE B 106 17.34 -20.81 6.40
N VAL B 107 17.64 -21.85 5.62
CA VAL B 107 18.48 -22.92 6.14
C VAL B 107 19.91 -22.37 6.22
N ASN B 108 20.39 -22.15 7.42
CA ASN B 108 21.63 -21.40 7.57
C ASN B 108 22.86 -22.27 7.39
N LEU B 109 23.92 -21.64 6.86
CA LEU B 109 25.23 -22.27 6.80
C LEU B 109 25.81 -22.41 8.19
N LEU B 110 26.30 -23.61 8.53
CA LEU B 110 26.98 -23.81 9.81
C LEU B 110 28.48 -24.08 9.67
N GLY B 111 28.95 -24.53 8.52
CA GLY B 111 30.35 -24.90 8.38
C GLY B 111 30.58 -25.56 7.03
N ALA B 112 31.85 -25.85 6.76
CA ALA B 112 32.21 -26.51 5.51
C ALA B 112 33.50 -27.31 5.72
N CYS B 113 33.68 -28.33 4.88
CA CYS B 113 34.93 -29.08 4.80
C CYS B 113 35.46 -28.87 3.39
N THR B 114 36.56 -28.11 3.25
CA THR B 114 37.08 -27.73 1.94
C THR B 114 38.52 -28.17 1.72
N HIS B 115 39.21 -28.63 2.76
CA HIS B 115 40.62 -28.99 2.66
C HIS B 115 40.76 -30.34 1.99
N GLY B 116 41.55 -30.40 0.92
CA GLY B 116 41.68 -31.61 0.14
C GLY B 116 40.48 -31.85 -0.77
N GLY B 117 39.33 -32.16 -0.19
CA GLY B 117 38.09 -32.40 -0.91
C GLY B 117 37.54 -33.75 -0.49
N PRO B 118 36.30 -34.10 -0.89
CA PRO B 118 35.30 -33.29 -1.62
C PRO B 118 34.72 -32.21 -0.72
N THR B 119 34.30 -31.09 -1.31
CA THR B 119 33.66 -30.05 -0.53
C THR B 119 32.35 -30.56 0.06
N LEU B 120 32.20 -30.35 1.36
CA LEU B 120 30.97 -30.59 2.09
C LEU B 120 30.46 -29.26 2.60
N VAL B 121 29.17 -28.99 2.42
CA VAL B 121 28.54 -27.78 2.96
C VAL B 121 27.60 -28.19 4.08
N ILE B 122 27.88 -27.73 5.30
CA ILE B 122 27.14 -28.13 6.50
C ILE B 122 26.08 -27.07 6.80
N THR B 123 24.82 -27.47 6.83
CA THR B 123 23.75 -26.51 7.11
C THR B 123 22.85 -27.02 8.23
N GLU B 124 21.94 -26.16 8.66
CA GLU B 124 20.95 -26.50 9.66
C GLU B 124 20.12 -27.71 9.23
N TYR B 125 19.75 -28.53 10.19
CA TYR B 125 18.83 -29.65 9.99
C TYR B 125 17.43 -29.25 10.43
N CYS B 126 16.43 -29.53 9.58
CA CYS B 126 15.02 -29.15 9.80
C CYS B 126 14.22 -30.44 9.99
N CYS B 127 13.82 -30.73 11.24
CA CYS B 127 13.41 -32.09 11.56
C CYS B 127 12.13 -32.53 10.83
N TYR B 128 11.28 -31.60 10.41
CA TYR B 128 10.05 -32.02 9.73
C TYR B 128 10.19 -32.11 8.22
N GLY B 129 11.36 -31.81 7.65
CA GLY B 129 11.51 -31.96 6.23
C GLY B 129 10.77 -30.87 5.45
N ASP B 130 10.50 -31.15 4.17
CA ASP B 130 9.97 -30.11 3.28
C ASP B 130 8.48 -29.90 3.49
N LEU B 131 8.04 -28.67 3.19
CA LEU B 131 6.67 -28.27 3.49
C LEU B 131 5.66 -28.94 2.57
N LEU B 132 6.05 -29.23 1.33
CA LEU B 132 5.13 -29.90 0.40
C LEU B 132 4.65 -31.24 0.97
N ASN B 133 5.60 -32.08 1.37
CA ASN B 133 5.24 -33.39 1.91
C ASN B 133 4.54 -33.25 3.27
N PHE B 134 4.97 -32.28 4.08
CA PHE B 134 4.30 -32.04 5.35
C PHE B 134 2.84 -31.68 5.13
N LEU B 135 2.57 -30.74 4.22
CA LEU B 135 1.19 -30.39 3.91
C LEU B 135 0.38 -31.61 3.46
N ARG B 136 0.96 -32.43 2.57
CA ARG B 136 0.25 -33.62 2.06
C ARG B 136 0.00 -34.64 3.16
N ARG B 137 0.91 -34.75 4.12
CA ARG B 137 0.73 -35.66 5.24
C ARG B 137 -0.37 -35.17 6.19
N LYS B 138 -0.46 -33.86 6.41
CA LYS B 138 -1.41 -33.27 7.33
C LYS B 138 -2.74 -32.91 6.66
N ARG B 139 -2.87 -33.16 5.36
CA ARG B 139 -4.01 -32.63 4.60
C ARG B 139 -5.34 -33.10 5.18
N ASP B 140 -5.47 -34.40 5.45
CA ASP B 140 -6.77 -34.95 5.81
C ASP B 140 -7.25 -34.52 7.19
N GLU B 141 -6.34 -34.13 8.10
CA GLU B 141 -6.72 -33.68 9.43
C GLU B 141 -6.70 -32.16 9.56
N PHE B 142 -6.68 -31.44 8.45
CA PHE B 142 -6.69 -29.98 8.47
C PHE B 142 -8.06 -29.44 8.84
N VAL B 143 -8.07 -28.36 9.62
CA VAL B 143 -9.31 -27.62 9.90
C VAL B 143 -9.00 -26.13 9.88
N PRO B 144 -9.96 -25.32 9.39
CA PRO B 144 -9.68 -23.87 9.31
C PRO B 144 -9.46 -23.21 10.67
N TYR B 145 -10.30 -23.53 11.66
CA TYR B 145 -10.17 -22.92 12.99
C TYR B 145 -10.25 -23.98 14.09
N ASP B 155 -3.50 -31.25 17.60
CA ASP B 155 -2.32 -31.35 16.74
C ASP B 155 -2.69 -31.22 15.27
N PHE B 156 -3.63 -30.33 14.97
CA PHE B 156 -4.14 -30.14 13.62
C PHE B 156 -3.45 -28.97 12.94
N LEU B 157 -3.13 -29.14 11.66
CA LEU B 157 -2.80 -28.00 10.83
C LEU B 157 -4.01 -27.10 10.69
N THR B 158 -3.83 -25.80 10.87
CA THR B 158 -4.92 -24.84 10.84
C THR B 158 -4.57 -23.68 9.92
N LEU B 159 -5.55 -22.78 9.76
CA LEU B 159 -5.33 -21.58 8.95
C LEU B 159 -4.28 -20.67 9.59
N GLU B 160 -4.26 -20.58 10.92
CA GLU B 160 -3.22 -19.80 11.58
C GLU B 160 -1.83 -20.28 11.16
N HIS B 161 -1.65 -21.59 10.98
CA HIS B 161 -0.34 -22.08 10.55
C HIS B 161 -0.04 -21.66 9.11
N LEU B 162 -1.05 -21.75 8.23
CA LEU B 162 -0.81 -21.42 6.83
C LEU B 162 -0.46 -19.95 6.66
N LEU B 163 -1.11 -19.06 7.40
CA LEU B 163 -0.76 -17.65 7.34
C LEU B 163 0.65 -17.40 7.89
N SER B 164 1.03 -18.12 8.95
CA SER B 164 2.37 -17.95 9.51
C SER B 164 3.43 -18.45 8.54
N PHE B 165 3.17 -19.57 7.85
CA PHE B 165 4.13 -20.03 6.85
C PHE B 165 4.27 -19.00 5.73
N SER B 166 3.14 -18.43 5.27
CA SER B 166 3.22 -17.45 4.18
C SER B 166 4.05 -16.25 4.59
N TYR B 167 3.81 -15.77 5.82
CA TYR B 167 4.55 -14.63 6.37
C TYR B 167 6.03 -14.94 6.47
N GLN B 168 6.38 -16.11 7.01
CA GLN B 168 7.80 -16.42 7.22
C GLN B 168 8.54 -16.59 5.91
N VAL B 169 7.93 -17.25 4.93
CA VAL B 169 8.58 -17.37 3.63
C VAL B 169 8.75 -15.99 2.99
N ALA B 170 7.73 -15.13 3.10
CA ALA B 170 7.86 -13.75 2.61
C ALA B 170 9.02 -13.04 3.31
N LYS B 171 9.14 -13.20 4.63
CA LYS B 171 10.22 -12.55 5.37
C LYS B 171 11.58 -13.02 4.89
N GLY B 172 11.74 -14.34 4.69
CA GLY B 172 13.01 -14.87 4.22
C GLY B 172 13.36 -14.36 2.83
N MET B 173 12.36 -14.32 1.93
CA MET B 173 12.60 -13.82 0.57
C MET B 173 12.86 -12.31 0.57
N ALA B 174 12.14 -11.56 1.41
CA ALA B 174 12.47 -10.14 1.55
C ALA B 174 13.92 -9.96 2.02
N PHE B 175 14.39 -10.86 2.89
CA PHE B 175 15.79 -10.81 3.31
C PHE B 175 16.74 -11.06 2.14
N LEU B 176 16.49 -12.11 1.35
CA LEU B 176 17.30 -12.36 0.15
C LEU B 176 17.29 -11.15 -0.77
N ALA B 177 16.11 -10.59 -1.04
CA ALA B 177 16.04 -9.44 -1.92
C ALA B 177 16.78 -8.25 -1.36
N SER B 178 16.77 -8.08 -0.03
CA SER B 178 17.51 -6.98 0.57
C SER B 178 19.01 -7.11 0.35
N LYS B 179 19.49 -8.32 0.11
CA LYS B 179 20.89 -8.60 -0.20
C LYS B 179 21.17 -8.70 -1.69
N ASN B 180 20.21 -8.26 -2.54
CA ASN B 180 20.31 -8.30 -3.99
C ASN B 180 20.44 -9.70 -4.54
N CYS B 181 19.83 -10.67 -3.86
CA CYS B 181 19.91 -12.08 -4.22
CA CYS B 181 19.91 -12.05 -4.29
C CYS B 181 18.57 -12.57 -4.75
N ILE B 182 18.60 -13.42 -5.77
CA ILE B 182 17.42 -14.16 -6.22
C ILE B 182 17.69 -15.63 -5.99
N HIS B 183 16.61 -16.37 -5.72
CA HIS B 183 16.71 -17.79 -5.37
C HIS B 183 16.54 -18.70 -6.60
N ARG B 184 15.54 -18.40 -7.44
CA ARG B 184 15.22 -19.02 -8.73
C ARG B 184 14.59 -20.41 -8.64
N ASP B 185 14.35 -20.96 -7.46
CA ASP B 185 13.62 -22.23 -7.38
C ASP B 185 12.72 -22.24 -6.14
N LEU B 186 12.02 -21.13 -5.94
CA LEU B 186 11.10 -21.07 -4.81
C LEU B 186 9.88 -21.92 -5.11
N ALA B 187 9.51 -22.77 -4.15
CA ALA B 187 8.44 -23.75 -4.27
C ALA B 187 8.31 -24.42 -2.93
N ALA B 188 7.10 -24.94 -2.63
CA ALA B 188 6.91 -25.58 -1.34
C ALA B 188 7.92 -26.69 -1.08
N ARG B 189 8.38 -27.38 -2.13
CA ARG B 189 9.33 -28.47 -1.92
C ARG B 189 10.68 -27.98 -1.40
N ASN B 190 11.00 -26.69 -1.57
CA ASN B 190 12.27 -26.13 -1.11
C ASN B 190 12.09 -25.28 0.14
N ILE B 191 10.98 -25.44 0.85
CA ILE B 191 10.76 -24.83 2.16
C ILE B 191 10.75 -25.95 3.16
N LEU B 192 11.57 -25.82 4.21
CA LEU B 192 11.62 -26.84 5.25
C LEU B 192 11.00 -26.30 6.52
N LEU B 193 10.58 -27.22 7.38
CA LEU B 193 9.91 -26.93 8.63
C LEU B 193 10.71 -27.53 9.78
N THR B 194 10.92 -26.74 10.82
CA THR B 194 11.68 -27.22 11.98
C THR B 194 10.85 -26.96 13.23
N HIS B 195 11.51 -27.03 14.40
CA HIS B 195 10.82 -26.87 15.66
C HIS B 195 10.19 -25.48 15.79
N GLY B 196 9.06 -25.43 16.49
CA GLY B 196 8.39 -24.16 16.71
C GLY B 196 7.69 -23.58 15.51
N ASN B 197 7.31 -24.43 14.54
CA ASN B 197 6.61 -24.01 13.34
C ASN B 197 7.38 -22.94 12.55
N ILE B 198 8.71 -23.07 12.53
CA ILE B 198 9.58 -22.16 11.78
C ILE B 198 9.87 -22.76 10.42
N THR B 199 9.62 -21.98 9.36
CA THR B 199 9.91 -22.39 7.99
C THR B 199 11.18 -21.72 7.51
N LYS B 200 11.96 -22.46 6.71
CA LYS B 200 13.25 -21.98 6.25
C LYS B 200 13.44 -22.30 4.78
N ILE B 201 13.81 -21.29 3.99
CA ILE B 201 14.08 -21.50 2.58
C ILE B 201 15.40 -22.26 2.41
N CYS B 202 15.42 -23.21 1.49
CA CYS B 202 16.60 -24.03 1.31
CA CYS B 202 16.52 -24.12 1.29
C CYS B 202 16.94 -24.17 -0.17
N ASP B 203 18.08 -24.82 -0.42
CA ASP B 203 18.70 -25.04 -1.73
C ASP B 203 19.09 -23.74 -2.42
N PHE B 204 20.32 -23.30 -2.18
CA PHE B 204 20.83 -22.07 -2.73
C PHE B 204 21.77 -22.29 -3.90
N GLY B 205 21.70 -23.47 -4.54
CA GLY B 205 22.60 -23.78 -5.63
C GLY B 205 22.43 -22.84 -6.81
N LEU B 206 21.19 -22.40 -7.09
CA LEU B 206 20.90 -21.51 -8.20
C LEU B 206 20.79 -20.04 -7.80
N ALA B 207 20.95 -19.73 -6.52
CA ALA B 207 20.81 -18.35 -6.06
C ALA B 207 21.90 -17.48 -6.68
N ARG B 208 21.53 -16.27 -7.11
CA ARG B 208 22.48 -15.33 -7.70
C ARG B 208 22.35 -13.96 -7.03
N ASP B 209 23.49 -13.27 -6.93
CA ASP B 209 23.49 -11.84 -6.63
C ASP B 209 23.38 -11.10 -7.95
N ILE B 210 22.36 -10.24 -8.06
CA ILE B 210 22.09 -9.53 -9.32
C ILE B 210 22.30 -8.03 -9.13
N LYS B 211 23.25 -7.63 -8.27
CA LYS B 211 23.56 -6.22 -8.07
C LYS B 211 23.83 -5.51 -9.39
N ASN B 212 24.78 -6.03 -10.16
CA ASN B 212 25.31 -5.30 -11.31
C ASN B 212 24.25 -5.10 -12.39
N ASP B 213 23.55 -6.17 -12.79
CA ASP B 213 22.75 -6.17 -14.01
C ASP B 213 21.25 -6.12 -13.76
N SER B 214 20.80 -6.14 -12.50
CA SER B 214 19.39 -6.10 -12.11
C SER B 214 18.59 -7.30 -12.62
N ASN B 215 19.26 -8.25 -13.27
CA ASN B 215 18.65 -9.53 -13.61
C ASN B 215 19.76 -10.57 -13.74
N TYR B 216 19.35 -11.79 -14.05
CA TYR B 216 20.26 -12.87 -14.40
C TYR B 216 19.67 -13.59 -15.60
N VAL B 217 20.45 -13.74 -16.67
CA VAL B 217 20.03 -14.50 -17.85
C VAL B 217 20.67 -15.88 -17.74
N ASP B 218 19.84 -16.92 -17.60
CA ASP B 218 20.33 -18.28 -17.41
C ASP B 218 20.91 -18.83 -18.72
N LYS B 219 22.21 -19.12 -18.72
CA LYS B 219 22.90 -19.72 -19.86
C LYS B 219 23.05 -21.22 -19.71
N GLY B 220 22.35 -21.85 -18.78
CA GLY B 220 22.46 -23.27 -18.57
C GLY B 220 21.50 -24.09 -19.41
N ASN B 221 21.66 -25.41 -19.34
CA ASN B 221 20.84 -26.36 -20.07
C ASN B 221 20.40 -27.47 -19.11
N ALA B 222 19.69 -27.08 -18.06
CA ALA B 222 19.19 -27.99 -17.04
C ALA B 222 17.67 -28.09 -17.12
N ARG B 223 17.13 -29.11 -16.46
CA ARG B 223 15.68 -29.22 -16.32
CA ARG B 223 15.69 -29.20 -16.34
C ARG B 223 15.18 -28.12 -15.41
N LEU B 224 14.04 -27.52 -15.78
CA LEU B 224 13.56 -26.31 -15.14
C LEU B 224 12.21 -26.54 -14.48
N PRO B 225 11.92 -25.84 -13.37
CA PRO B 225 10.61 -25.99 -12.71
C PRO B 225 9.53 -25.15 -13.39
N VAL B 226 9.07 -25.62 -14.56
CA VAL B 226 8.30 -24.77 -15.47
C VAL B 226 7.05 -24.20 -14.82
N LYS B 227 6.32 -25.02 -14.05
CA LYS B 227 5.05 -24.52 -13.50
C LYS B 227 5.22 -23.51 -12.38
N TRP B 228 6.45 -23.27 -11.92
CA TRP B 228 6.71 -22.24 -10.93
C TRP B 228 7.31 -20.96 -11.54
N MET B 229 7.62 -20.98 -12.83
CA MET B 229 8.40 -19.92 -13.46
C MET B 229 7.53 -18.82 -14.05
N ALA B 230 8.04 -17.59 -13.95
CA ALA B 230 7.40 -16.46 -14.58
C ALA B 230 7.49 -16.62 -16.09
N PRO B 231 6.51 -16.08 -16.83
CA PRO B 231 6.55 -16.25 -18.31
C PRO B 231 7.82 -15.67 -18.92
N GLU B 232 8.35 -14.57 -18.37
CA GLU B 232 9.57 -14.01 -18.96
C GLU B 232 10.77 -14.93 -18.71
N SER B 233 10.76 -15.71 -17.63
CA SER B 233 11.82 -16.69 -17.42
C SER B 233 11.69 -17.86 -18.40
N ILE B 234 10.47 -18.29 -18.67
CA ILE B 234 10.26 -19.35 -19.66
C ILE B 234 10.66 -18.86 -21.05
N PHE B 235 10.13 -17.70 -21.46
CA PHE B 235 10.23 -17.25 -22.84
C PHE B 235 11.56 -16.59 -23.16
N ASN B 236 12.22 -15.98 -22.17
CA ASN B 236 13.46 -15.26 -22.42
C ASN B 236 14.59 -15.60 -21.46
N SER B 237 14.41 -16.58 -20.58
CA SER B 237 15.45 -17.05 -19.66
C SER B 237 15.96 -15.92 -18.75
N VAL B 238 15.10 -14.99 -18.41
CA VAL B 238 15.44 -13.84 -17.57
CA VAL B 238 15.47 -13.86 -17.56
C VAL B 238 14.91 -14.09 -16.16
N TYR B 239 15.75 -13.87 -15.15
CA TYR B 239 15.35 -14.02 -13.76
C TYR B 239 15.64 -12.71 -13.03
N THR B 240 14.72 -12.33 -12.15
CA THR B 240 14.74 -11.04 -11.48
C THR B 240 14.14 -11.19 -10.08
N PHE B 241 14.21 -10.11 -9.30
CA PHE B 241 13.40 -10.02 -8.08
C PHE B 241 11.94 -10.36 -8.37
N GLU B 242 11.43 -9.89 -9.51
CA GLU B 242 10.02 -10.08 -9.86
C GLU B 242 9.69 -11.51 -10.25
N SER B 243 10.63 -12.26 -10.82
CA SER B 243 10.29 -13.65 -11.12
C SER B 243 10.31 -14.52 -9.87
N ASP B 244 11.11 -14.16 -8.84
CA ASP B 244 10.98 -14.82 -7.54
C ASP B 244 9.59 -14.57 -6.94
N VAL B 245 9.05 -13.36 -7.12
CA VAL B 245 7.72 -13.04 -6.60
C VAL B 245 6.64 -13.87 -7.31
N TRP B 246 6.75 -14.03 -8.62
CA TRP B 246 5.85 -14.93 -9.34
C TRP B 246 5.86 -16.32 -8.68
N SER B 247 7.05 -16.88 -8.44
CA SER B 247 7.14 -18.22 -7.86
C SER B 247 6.55 -18.24 -6.46
N TYR B 248 6.73 -17.15 -5.70
CA TYR B 248 6.10 -17.05 -4.38
C TYR B 248 4.58 -17.17 -4.50
N GLY B 249 3.99 -16.54 -5.52
CA GLY B 249 2.57 -16.72 -5.76
C GLY B 249 2.17 -18.18 -5.96
N ILE B 250 2.96 -18.91 -6.74
CA ILE B 250 2.66 -20.32 -6.96
C ILE B 250 2.77 -21.07 -5.63
N PHE B 251 3.82 -20.78 -4.85
CA PHE B 251 3.96 -21.37 -3.52
C PHE B 251 2.73 -21.10 -2.66
N LEU B 252 2.22 -19.86 -2.65
CA LEU B 252 1.00 -19.60 -1.89
C LEU B 252 -0.13 -20.49 -2.36
N TRP B 253 -0.26 -20.71 -3.66
CA TRP B 253 -1.28 -21.61 -4.14
C TRP B 253 -1.04 -23.03 -3.62
N GLU B 254 0.21 -23.50 -3.65
CA GLU B 254 0.53 -24.80 -3.06
C GLU B 254 0.11 -24.85 -1.60
N LEU B 255 0.43 -23.77 -0.88
CA LEU B 255 0.21 -23.72 0.56
C LEU B 255 -1.28 -23.80 0.89
N PHE B 256 -2.09 -22.97 0.25
CA PHE B 256 -3.49 -22.92 0.64
C PHE B 256 -4.33 -23.99 -0.04
N SER B 257 -3.74 -24.78 -0.94
CA SER B 257 -4.40 -25.98 -1.45
C SER B 257 -3.95 -27.21 -0.70
N LEU B 258 -3.19 -27.04 0.39
CA LEU B 258 -2.67 -28.12 1.21
C LEU B 258 -1.82 -29.08 0.38
N GLY B 259 -1.02 -28.51 -0.50
CA GLY B 259 -0.01 -29.28 -1.22
C GLY B 259 -0.43 -29.85 -2.56
N SER B 260 -1.48 -29.32 -3.18
CA SER B 260 -1.82 -29.79 -4.52
C SER B 260 -0.75 -29.39 -5.52
N SER B 261 -0.65 -30.18 -6.59
CA SER B 261 0.23 -29.81 -7.71
C SER B 261 -0.38 -28.64 -8.49
N PRO B 262 0.45 -27.68 -8.89
CA PRO B 262 -0.09 -26.52 -9.63
C PRO B 262 -0.62 -26.91 -10.99
N TYR B 263 -1.51 -26.06 -11.51
CA TYR B 263 -2.17 -26.28 -12.79
C TYR B 263 -2.66 -27.72 -12.94
N PRO B 264 -3.58 -28.16 -12.08
CA PRO B 264 -4.04 -29.56 -12.15
C PRO B 264 -4.62 -29.90 -13.51
N GLY B 265 -4.26 -31.08 -14.01
CA GLY B 265 -4.74 -31.55 -15.29
C GLY B 265 -4.17 -30.84 -16.49
N MET B 266 -3.13 -30.04 -16.31
CA MET B 266 -2.47 -29.36 -17.44
C MET B 266 -1.03 -29.85 -17.55
N PRO B 267 -0.71 -30.61 -18.59
CA PRO B 267 0.69 -30.99 -18.80
C PRO B 267 1.47 -29.80 -19.33
N VAL B 268 2.79 -29.86 -19.16
CA VAL B 268 3.68 -28.85 -19.71
C VAL B 268 3.85 -29.16 -21.19
N ASP B 269 3.19 -28.38 -22.04
CA ASP B 269 3.18 -28.60 -23.48
C ASP B 269 2.82 -27.28 -24.17
N SER B 270 2.66 -27.32 -25.49
CA SER B 270 2.37 -26.09 -26.23
C SER B 270 1.18 -25.35 -25.64
N LYS B 271 0.11 -26.08 -25.31
CA LYS B 271 -1.09 -25.43 -24.78
C LYS B 271 -0.81 -24.75 -23.44
N PHE B 272 0.00 -25.39 -22.59
CA PHE B 272 0.34 -24.73 -21.33
C PHE B 272 0.97 -23.36 -21.58
N TYR B 273 1.99 -23.31 -22.45
CA TYR B 273 2.68 -22.04 -22.67
C TYR B 273 1.76 -21.00 -23.27
N LYS B 274 0.92 -21.42 -24.23
CA LYS B 274 0.00 -20.48 -24.86
C LYS B 274 -1.00 -19.94 -23.84
N MET B 275 -1.53 -20.80 -22.96
CA MET B 275 -2.51 -20.34 -21.99
C MET B 275 -1.88 -19.38 -20.99
N ILE B 276 -0.67 -19.69 -20.50
CA ILE B 276 -0.01 -18.76 -19.58
C ILE B 276 0.23 -17.42 -20.27
N LYS B 277 0.75 -17.46 -21.49
CA LYS B 277 1.03 -16.21 -22.20
C LYS B 277 -0.25 -15.40 -22.43
N GLU B 278 -1.36 -16.08 -22.70
CA GLU B 278 -2.62 -15.36 -22.92
C GLU B 278 -3.32 -14.90 -21.63
N GLY B 279 -2.81 -15.25 -20.46
CA GLY B 279 -3.37 -14.72 -19.23
C GLY B 279 -4.06 -15.72 -18.32
N PHE B 280 -4.03 -17.00 -18.66
CA PHE B 280 -4.63 -18.00 -17.79
C PHE B 280 -3.93 -18.01 -16.45
N ARG B 281 -4.72 -18.07 -15.36
CA ARG B 281 -4.18 -18.17 -14.00
C ARG B 281 -5.01 -19.18 -13.23
N MET B 282 -4.39 -19.81 -12.24
CA MET B 282 -5.13 -20.72 -11.36
C MET B 282 -6.19 -19.93 -10.58
N SER B 283 -7.32 -20.58 -10.32
CA SER B 283 -8.35 -20.02 -9.46
C SER B 283 -7.91 -20.06 -7.98
N SER B 284 -8.77 -19.52 -7.10
CA SER B 284 -8.44 -19.46 -5.69
C SER B 284 -8.51 -20.85 -5.04
N PRO B 285 -7.49 -21.25 -4.28
CA PRO B 285 -7.56 -22.52 -3.55
C PRO B 285 -8.68 -22.48 -2.54
N GLU B 286 -9.21 -23.67 -2.24
CA GLU B 286 -10.36 -23.80 -1.34
C GLU B 286 -10.15 -23.06 -0.02
N TYR B 287 -8.95 -23.15 0.56
CA TYR B 287 -8.75 -22.58 1.89
C TYR B 287 -8.10 -21.19 1.88
N ALA B 288 -7.84 -20.62 0.71
CA ALA B 288 -7.16 -19.32 0.69
C ALA B 288 -8.11 -18.21 1.13
N PRO B 289 -7.73 -17.38 2.09
CA PRO B 289 -8.47 -16.14 2.33
C PRO B 289 -8.45 -15.27 1.08
N ALA B 290 -9.49 -14.45 0.93
CA ALA B 290 -9.57 -13.56 -0.23
C ALA B 290 -8.32 -12.70 -0.37
N GLU B 291 -7.84 -12.14 0.76
CA GLU B 291 -6.67 -11.28 0.70
C GLU B 291 -5.41 -12.03 0.30
N MET B 292 -5.32 -13.32 0.63
CA MET B 292 -4.19 -14.11 0.16
C MET B 292 -4.29 -14.41 -1.33
N TYR B 293 -5.49 -14.72 -1.84
CA TYR B 293 -5.63 -14.91 -3.29
C TYR B 293 -5.34 -13.63 -4.04
N ASP B 294 -5.72 -12.48 -3.47
CA ASP B 294 -5.36 -11.18 -4.06
C ASP B 294 -3.85 -11.05 -4.21
N ILE B 295 -3.08 -11.48 -3.20
CA ILE B 295 -1.61 -11.46 -3.33
C ILE B 295 -1.16 -12.38 -4.47
N MET B 296 -1.74 -13.59 -4.54
CA MET B 296 -1.37 -14.52 -5.61
C MET B 296 -1.58 -13.88 -6.99
N LYS B 297 -2.76 -13.28 -7.19
CA LYS B 297 -3.06 -12.67 -8.47
C LYS B 297 -2.07 -11.56 -8.83
N THR B 298 -1.70 -10.73 -7.85
CA THR B 298 -0.72 -9.69 -8.16
C THR B 298 0.67 -10.28 -8.43
N CYS B 299 1.03 -11.37 -7.73
CA CYS B 299 2.30 -12.04 -8.03
C CYS B 299 2.34 -12.54 -9.47
N TRP B 300 1.19 -12.87 -10.04
CA TRP B 300 1.12 -13.44 -11.39
C TRP B 300 0.78 -12.42 -12.45
N ASP B 301 0.99 -11.14 -12.18
CA ASP B 301 0.79 -10.14 -13.23
C ASP B 301 1.77 -10.41 -14.37
N ALA B 302 1.26 -10.37 -15.61
CA ALA B 302 2.12 -10.53 -16.77
C ALA B 302 3.20 -9.44 -16.83
N ASP B 303 2.89 -8.24 -16.35
CA ASP B 303 3.86 -7.17 -16.30
C ASP B 303 4.67 -7.30 -15.01
N PRO B 304 5.98 -7.57 -15.09
CA PRO B 304 6.77 -7.72 -13.85
C PRO B 304 6.71 -6.50 -12.97
N ASP B 305 6.55 -5.31 -13.55
CA ASP B 305 6.55 -4.07 -12.78
C ASP B 305 5.33 -3.93 -11.88
N LYS B 306 4.26 -4.66 -12.17
CA LYS B 306 3.03 -4.57 -11.39
C LYS B 306 2.98 -5.59 -10.26
N ARG B 307 3.91 -6.54 -10.21
CA ARG B 307 3.97 -7.44 -9.07
C ARG B 307 4.43 -6.69 -7.82
N PRO B 308 3.96 -7.10 -6.65
CA PRO B 308 4.48 -6.53 -5.40
C PRO B 308 5.91 -6.96 -5.15
N THR B 309 6.59 -6.20 -4.29
CA THR B 309 7.88 -6.65 -3.75
C THR B 309 7.64 -7.53 -2.54
N PHE B 310 8.67 -8.26 -2.12
CA PHE B 310 8.50 -9.04 -0.89
C PHE B 310 8.31 -8.14 0.32
N LYS B 311 8.94 -6.98 0.33
CA LYS B 311 8.72 -5.99 1.38
C LYS B 311 7.24 -5.66 1.50
N GLN B 312 6.58 -5.40 0.36
CA GLN B 312 5.14 -5.11 0.36
C GLN B 312 4.33 -6.31 0.80
N ILE B 313 4.69 -7.51 0.34
CA ILE B 313 3.95 -8.71 0.74
C ILE B 313 4.05 -8.92 2.25
N VAL B 314 5.25 -8.74 2.81
CA VAL B 314 5.42 -8.91 4.26
C VAL B 314 4.44 -7.99 5.00
N GLN B 315 4.39 -6.71 4.60
CA GLN B 315 3.54 -5.76 5.32
C GLN B 315 2.06 -6.07 5.14
N ASP B 316 1.69 -6.57 3.96
CA ASP B 316 0.31 -6.97 3.68
C ASP B 316 -0.11 -8.12 4.60
N ILE B 317 0.71 -9.17 4.67
CA ILE B 317 0.38 -10.32 5.50
C ILE B 317 0.45 -9.95 6.99
N GLU B 318 1.33 -9.01 7.35
CA GLU B 318 1.35 -8.53 8.74
C GLU B 318 -0.02 -8.00 9.15
N LYS B 319 -0.66 -7.21 8.28
CA LYS B 319 -1.99 -6.69 8.60
C LYS B 319 -3.02 -7.81 8.71
N GLN B 320 -2.96 -8.80 7.82
CA GLN B 320 -3.88 -9.94 7.88
C GLN B 320 -3.75 -10.69 9.19
N ILE B 321 -2.51 -10.93 9.63
CA ILE B 321 -2.27 -11.60 10.90
C ILE B 321 -2.84 -10.78 12.05
N SER B 322 -2.53 -9.49 12.09
CA SER B 322 -2.92 -8.64 13.22
C SER B 322 -4.42 -8.38 13.26
N GLU B 323 -5.12 -8.62 12.16
CA GLU B 323 -6.58 -8.65 12.19
C GLU B 323 -7.11 -10.05 12.43
N SER B 324 -6.24 -10.98 12.81
CA SER B 324 -6.57 -12.37 13.13
C SER B 324 -7.16 -13.12 11.95
#